data_9VW7
#
_entry.id   9VW7
#
_cell.length_a   117.395
_cell.length_b   117.395
_cell.length_c   99.569
_cell.angle_alpha   90.000
_cell.angle_beta   90.000
_cell.angle_gamma   90.000
#
_symmetry.space_group_name_H-M   'P 43 21 2'
#
loop_
_entity.id
_entity.type
_entity.pdbx_description
1 polymer Dehydrogenase
2 non-polymer 'NADPH DIHYDRO-NICOTINAMIDE-ADENINE-DINUCLEOTIDE PHOSPHATE'
3 non-polymer 'SULFATE ION'
4 non-polymer 3,6,9,12,15,18,21-HEPTAOXATRICOSANE-1,23-DIOL
5 non-polymer 'SODIUM ION'
6 water water
#
_entity_poly.entity_id   1
_entity_poly.type   'polypeptide(L)'
_entity_poly.pdbx_seq_one_letter_code
;MGSSHHHHHHSSGLVPRGSHMDKRERVTVLGLGRMGAALAGALLAAGHPTTVWNRSAAKAGDLVARGAVLAGTAAEAVRA
SEVVVVCVTDYDVAGDLLGPLAGELAGRALINLTSGSPEQARRSADWAAEHGIDYLDGTIMAVPQGIGQPGSVLLLSGSA
EVHSGRKALIELWGDGDYLGADAGLSALYDLALLGVMWSTIASFLHGAALLGTEDVTAQQFLPKVERWLGAVASFLPGIA
AQADSGDYATDVSGLDINVAGLDLLARVSRAQGIGTDVPAALHELYARRLAQGSANDGLASLIDTIRRG
;
_entity_poly.pdbx_strand_id   A,B
#
loop_
_chem_comp.id
_chem_comp.type
_chem_comp.name
_chem_comp.formula
NA non-polymer 'SODIUM ION' 'Na 1'
NDP non-polymer 'NADPH DIHYDRO-NICOTINAMIDE-ADENINE-DINUCLEOTIDE PHOSPHATE' 'C21 H30 N7 O17 P3'
PE8 non-polymer 3,6,9,12,15,18,21-HEPTAOXATRICOSANE-1,23-DIOL 'C16 H34 O9'
SO4 non-polymer 'SULFATE ION' 'O4 S -2'
#
# COMPACT_ATOMS: atom_id res chain seq x y z
N LYS A 23 -35.87 -16.46 -6.03
CA LYS A 23 -35.57 -15.01 -5.87
C LYS A 23 -36.86 -14.28 -5.54
N ARG A 24 -36.72 -12.97 -5.37
CA ARG A 24 -37.78 -11.98 -5.44
C ARG A 24 -38.71 -12.08 -4.23
N GLU A 25 -38.15 -12.53 -3.10
CA GLU A 25 -38.80 -12.45 -1.79
C GLU A 25 -39.00 -10.99 -1.33
N ARG A 26 -39.91 -10.84 -0.36
CA ARG A 26 -40.20 -9.56 0.25
C ARG A 26 -38.95 -9.13 1.02
N VAL A 27 -38.56 -7.85 0.90
CA VAL A 27 -37.45 -7.30 1.68
C VAL A 27 -37.84 -5.96 2.31
N THR A 28 -37.38 -5.77 3.55
CA THR A 28 -37.52 -4.52 4.28
C THR A 28 -36.15 -3.86 4.45
N VAL A 29 -36.06 -2.55 4.17
CA VAL A 29 -34.90 -1.74 4.49
C VAL A 29 -35.29 -0.65 5.49
N LEU A 30 -34.61 -0.66 6.66
CA LEU A 30 -34.67 0.41 7.63
C LEU A 30 -33.45 1.29 7.41
N GLY A 31 -33.71 2.54 7.04
CA GLY A 31 -32.68 3.57 6.96
C GLY A 31 -32.41 3.92 5.51
N LEU A 32 -32.81 5.15 5.11
CA LEU A 32 -32.83 5.57 3.71
C LEU A 32 -31.91 6.77 3.54
N GLY A 33 -30.79 6.72 4.27
CA GLY A 33 -29.69 7.65 4.02
C GLY A 33 -29.01 7.31 2.70
N ARG A 34 -27.94 8.01 2.36
CA ARG A 34 -27.32 7.77 1.06
C ARG A 34 -27.17 6.26 0.80
N MET A 35 -26.58 5.55 1.78
CA MET A 35 -26.25 4.16 1.63
C MET A 35 -27.54 3.31 1.68
N GLY A 36 -28.39 3.53 2.70
CA GLY A 36 -29.63 2.78 2.81
C GLY A 36 -30.53 2.87 1.56
N ALA A 37 -30.68 4.05 0.98
CA ALA A 37 -31.48 4.21 -0.23
C ALA A 37 -30.94 3.35 -1.36
N ALA A 38 -29.61 3.38 -1.52
CA ALA A 38 -28.97 2.67 -2.63
C ALA A 38 -29.10 1.17 -2.42
N LEU A 39 -29.10 0.71 -1.17
CA LEU A 39 -29.43 -0.69 -0.91
C LEU A 39 -30.87 -1.03 -1.34
N ALA A 40 -31.84 -0.22 -0.94
CA ALA A 40 -33.22 -0.46 -1.31
C ALA A 40 -33.40 -0.33 -2.83
N GLY A 41 -32.80 0.72 -3.42
CA GLY A 41 -32.80 0.92 -4.86
C GLY A 41 -32.51 -0.37 -5.61
N ALA A 42 -31.44 -1.08 -5.20
CA ALA A 42 -30.93 -2.23 -5.92
C ALA A 42 -31.87 -3.42 -5.76
N LEU A 43 -32.39 -3.61 -4.54
CA LEU A 43 -33.37 -4.64 -4.29
C LEU A 43 -34.54 -4.46 -5.24
N LEU A 44 -34.97 -3.20 -5.34
CA LEU A 44 -36.17 -2.87 -6.07
C LEU A 44 -35.91 -3.11 -7.55
N ALA A 45 -34.91 -2.41 -8.11
CA ALA A 45 -34.43 -2.59 -9.48
C ALA A 45 -34.55 -4.03 -9.95
N ALA A 46 -34.18 -5.00 -9.09
CA ALA A 46 -34.16 -6.42 -9.44
C ALA A 46 -35.48 -7.09 -9.04
N GLY A 47 -36.56 -6.31 -8.99
CA GLY A 47 -37.92 -6.81 -8.82
C GLY A 47 -38.21 -7.41 -7.43
N HIS A 48 -37.50 -6.97 -6.39
CA HIS A 48 -37.92 -7.34 -5.04
C HIS A 48 -39.09 -6.46 -4.59
N PRO A 49 -40.13 -7.05 -3.96
CA PRO A 49 -41.11 -6.26 -3.23
C PRO A 49 -40.34 -5.70 -2.03
N THR A 50 -40.09 -4.39 -2.10
CA THR A 50 -39.26 -3.72 -1.11
C THR A 50 -40.13 -2.81 -0.25
N THR A 51 -40.21 -3.10 1.06
CA THR A 51 -40.79 -2.20 2.05
C THR A 51 -39.69 -1.44 2.79
N VAL A 52 -39.82 -0.11 2.84
CA VAL A 52 -38.83 0.76 3.45
C VAL A 52 -39.43 1.52 4.64
N TRP A 53 -38.57 1.89 5.58
CA TRP A 53 -38.89 2.90 6.57
C TRP A 53 -37.67 3.78 6.80
N ASN A 54 -37.92 5.04 7.13
CA ASN A 54 -36.88 5.99 7.49
C ASN A 54 -37.51 7.02 8.41
N ARG A 55 -36.82 7.42 9.48
CA ARG A 55 -37.39 8.39 10.40
C ARG A 55 -37.99 9.55 9.62
N SER A 56 -37.22 10.13 8.69
CA SER A 56 -37.63 11.19 7.79
C SER A 56 -38.22 10.54 6.52
N ALA A 57 -39.53 10.62 6.35
CA ALA A 57 -40.23 9.91 5.29
C ALA A 57 -39.91 10.49 3.91
N ALA A 58 -39.68 11.80 3.83
CA ALA A 58 -39.43 12.47 2.55
C ALA A 58 -38.29 11.80 1.76
N LYS A 59 -37.29 11.23 2.45
CA LYS A 59 -36.18 10.60 1.78
C LYS A 59 -36.64 9.32 1.08
N ALA A 60 -37.88 8.85 1.34
CA ALA A 60 -38.38 7.66 0.66
C ALA A 60 -39.01 7.99 -0.70
N GLY A 61 -38.89 9.24 -1.18
CA GLY A 61 -39.65 9.76 -2.30
C GLY A 61 -39.49 8.92 -3.57
N ASP A 62 -38.33 9.05 -4.22
CA ASP A 62 -38.04 8.29 -5.43
C ASP A 62 -38.33 6.81 -5.26
N LEU A 63 -38.02 6.24 -4.09
CA LEU A 63 -38.10 4.80 -3.94
C LEU A 63 -39.56 4.36 -4.01
N VAL A 64 -40.44 5.14 -3.35
CA VAL A 64 -41.87 4.89 -3.35
C VAL A 64 -42.40 5.06 -4.78
N ALA A 65 -41.83 6.04 -5.50
CA ALA A 65 -42.19 6.31 -6.88
C ALA A 65 -41.76 5.17 -7.80
N ARG A 66 -40.51 4.66 -7.66
CA ARG A 66 -40.01 3.56 -8.47
C ARG A 66 -40.68 2.24 -8.02
N GLY A 67 -41.49 2.25 -6.93
CA GLY A 67 -42.32 1.11 -6.57
C GLY A 67 -42.21 0.59 -5.12
N ALA A 68 -41.46 1.26 -4.24
CA ALA A 68 -41.31 0.76 -2.88
C ALA A 68 -42.45 1.26 -1.99
N VAL A 69 -42.80 0.41 -1.02
CA VAL A 69 -43.86 0.64 -0.06
C VAL A 69 -43.24 1.26 1.20
N LEU A 70 -43.59 2.54 1.48
CA LEU A 70 -43.20 3.17 2.72
C LEU A 70 -44.14 2.75 3.84
N ALA A 71 -43.60 2.05 4.85
CA ALA A 71 -44.32 1.68 6.05
C ALA A 71 -44.57 2.93 6.89
N GLY A 72 -45.58 2.87 7.78
CA GLY A 72 -45.87 4.01 8.65
C GLY A 72 -44.96 4.04 9.88
N THR A 73 -44.67 2.84 10.39
CA THR A 73 -43.72 2.64 11.47
C THR A 73 -42.63 1.65 11.04
N ALA A 74 -41.53 1.64 11.79
CA ALA A 74 -40.48 0.64 11.60
C ALA A 74 -41.02 -0.78 11.88
N ALA A 75 -41.87 -0.89 12.91
CA ALA A 75 -42.49 -2.18 13.22
C ALA A 75 -43.34 -2.67 12.04
N GLU A 76 -44.07 -1.76 11.40
CA GLU A 76 -44.87 -2.14 10.25
C GLU A 76 -43.92 -2.67 9.17
N ALA A 77 -42.75 -2.03 9.05
CA ALA A 77 -41.78 -2.39 8.05
C ALA A 77 -41.19 -3.75 8.39
N VAL A 78 -40.87 -3.97 9.67
CA VAL A 78 -40.32 -5.24 10.06
C VAL A 78 -41.28 -6.40 9.74
N ARG A 79 -42.57 -6.16 10.01
CA ARG A 79 -43.59 -7.20 9.91
C ARG A 79 -43.84 -7.52 8.43
N ALA A 80 -43.44 -6.64 7.53
CA ALA A 80 -43.76 -6.79 6.12
C ALA A 80 -42.90 -7.85 5.42
N SER A 81 -41.84 -8.41 6.07
CA SER A 81 -40.81 -9.20 5.37
C SER A 81 -40.08 -10.14 6.33
N GLU A 82 -39.56 -11.27 5.82
CA GLU A 82 -38.77 -12.24 6.58
C GLU A 82 -37.32 -11.77 6.75
N VAL A 83 -36.90 -10.83 5.91
CA VAL A 83 -35.54 -10.33 5.99
C VAL A 83 -35.53 -8.80 6.04
N VAL A 84 -34.81 -8.30 7.04
CA VAL A 84 -34.78 -6.90 7.35
C VAL A 84 -33.32 -6.44 7.28
N VAL A 85 -33.11 -5.38 6.49
CA VAL A 85 -31.81 -4.77 6.24
C VAL A 85 -31.72 -3.45 7.00
N VAL A 86 -30.69 -3.25 7.83
CA VAL A 86 -30.63 -1.99 8.54
C VAL A 86 -29.30 -1.32 8.23
N CYS A 87 -29.41 -0.02 7.93
CA CYS A 87 -28.29 0.82 7.57
C CYS A 87 -28.56 2.26 7.99
N VAL A 88 -28.07 2.58 9.20
CA VAL A 88 -28.19 3.90 9.81
C VAL A 88 -26.82 4.38 10.31
N THR A 89 -26.79 5.54 10.95
CA THR A 89 -25.53 6.24 11.17
C THR A 89 -24.53 5.38 11.94
N ASP A 90 -24.96 4.81 13.06
CA ASP A 90 -24.06 4.07 13.95
C ASP A 90 -24.87 3.10 14.80
N TYR A 91 -24.17 2.33 15.61
CA TYR A 91 -24.81 1.26 16.36
C TYR A 91 -25.59 1.80 17.57
N ASP A 92 -25.33 3.03 18.02
CA ASP A 92 -26.11 3.59 19.13
C ASP A 92 -27.53 3.82 18.66
N VAL A 93 -27.67 4.47 17.49
CA VAL A 93 -28.96 4.76 16.92
C VAL A 93 -29.61 3.44 16.52
N ALA A 94 -28.82 2.49 16.03
CA ALA A 94 -29.40 1.23 15.63
C ALA A 94 -29.96 0.52 16.86
N GLY A 95 -29.22 0.53 17.98
CA GLY A 95 -29.70 -0.03 19.24
C GLY A 95 -31.05 0.57 19.67
N ASP A 96 -31.12 1.91 19.70
CA ASP A 96 -32.32 2.65 20.07
C ASP A 96 -33.45 2.36 19.08
N LEU A 97 -33.11 2.01 17.84
CA LEU A 97 -34.11 1.68 16.85
C LEU A 97 -34.51 0.20 16.88
N LEU A 98 -33.57 -0.72 17.16
CA LEU A 98 -33.86 -2.14 17.01
C LEU A 98 -34.36 -2.74 18.32
N GLY A 99 -33.80 -2.28 19.44
CA GLY A 99 -34.13 -2.85 20.73
C GLY A 99 -35.63 -2.95 20.96
N PRO A 100 -36.39 -1.85 20.78
CA PRO A 100 -37.85 -1.86 20.90
C PRO A 100 -38.56 -2.79 19.92
N LEU A 101 -37.86 -3.24 18.87
CA LEU A 101 -38.47 -4.08 17.85
C LEU A 101 -38.07 -5.55 18.03
N ALA A 102 -37.43 -5.90 19.16
CA ALA A 102 -37.03 -7.29 19.42
C ALA A 102 -38.17 -8.28 19.18
N GLY A 103 -39.36 -7.97 19.71
CA GLY A 103 -40.50 -8.86 19.62
C GLY A 103 -40.93 -9.14 18.17
N GLU A 104 -41.14 -8.08 17.36
CA GLU A 104 -41.60 -8.26 15.99
C GLU A 104 -40.48 -8.77 15.08
N LEU A 105 -39.23 -8.75 15.55
CA LEU A 105 -38.12 -9.20 14.73
C LEU A 105 -37.94 -10.72 14.84
N ALA A 106 -38.36 -11.30 15.98
CA ALA A 106 -38.22 -12.73 16.23
C ALA A 106 -38.62 -13.57 15.01
N GLY A 107 -37.73 -14.49 14.60
CA GLY A 107 -38.01 -15.40 13.49
C GLY A 107 -37.76 -14.78 12.12
N ARG A 108 -37.14 -13.60 12.13
CA ARG A 108 -36.80 -13.01 10.84
C ARG A 108 -35.28 -12.93 10.72
N ALA A 109 -34.86 -12.61 9.49
CA ALA A 109 -33.45 -12.35 9.22
C ALA A 109 -33.21 -10.84 9.33
N LEU A 110 -32.27 -10.49 10.21
CA LEU A 110 -31.69 -9.16 10.27
C LEU A 110 -30.31 -9.13 9.61
N ILE A 111 -30.17 -8.27 8.60
CA ILE A 111 -28.88 -7.95 8.00
C ILE A 111 -28.52 -6.51 8.40
N ASN A 112 -27.49 -6.35 9.25
CA ASN A 112 -27.07 -5.04 9.71
C ASN A 112 -25.83 -4.53 8.97
N LEU A 113 -25.98 -3.48 8.14
CA LEU A 113 -24.90 -2.97 7.31
C LEU A 113 -24.50 -1.60 7.83
N THR A 114 -24.94 -1.30 9.06
CA THR A 114 -24.43 -0.16 9.79
C THR A 114 -22.94 -0.37 10.02
N SER A 115 -22.17 0.71 9.97
CA SER A 115 -20.73 0.66 10.22
C SER A 115 -20.41 0.79 11.71
N GLY A 116 -19.46 -0.02 12.19
CA GLY A 116 -19.19 -0.06 13.61
C GLY A 116 -17.96 -0.89 13.98
N SER A 117 -17.76 -1.04 15.29
CA SER A 117 -16.67 -1.80 15.81
C SER A 117 -17.06 -3.27 15.81
N PRO A 118 -16.07 -4.19 15.92
CA PRO A 118 -16.36 -5.61 16.17
C PRO A 118 -17.24 -5.87 17.39
N GLU A 119 -16.95 -5.20 18.49
CA GLU A 119 -17.68 -5.39 19.72
C GLU A 119 -19.15 -5.03 19.51
N GLN A 120 -19.42 -3.94 18.78
CA GLN A 120 -20.76 -3.46 18.56
C GLN A 120 -21.53 -4.53 17.80
N ALA A 121 -20.82 -5.23 16.89
CA ALA A 121 -21.46 -6.24 16.06
C ALA A 121 -21.78 -7.48 16.89
N ARG A 122 -20.85 -7.81 17.78
CA ARG A 122 -20.95 -8.96 18.66
C ARG A 122 -22.12 -8.79 19.62
N ARG A 123 -22.22 -7.64 20.29
CA ARG A 123 -23.37 -7.30 21.11
C ARG A 123 -24.65 -7.44 20.28
N SER A 124 -24.69 -6.80 19.12
CA SER A 124 -25.88 -6.92 18.31
C SER A 124 -26.23 -8.38 18.08
N ALA A 125 -25.24 -9.25 17.84
CA ALA A 125 -25.51 -10.64 17.48
C ALA A 125 -25.92 -11.44 18.72
N ASP A 126 -25.42 -10.99 19.88
CA ASP A 126 -25.81 -11.57 21.16
C ASP A 126 -27.30 -11.33 21.39
N TRP A 127 -27.66 -10.04 21.50
CA TRP A 127 -29.02 -9.53 21.59
C TRP A 127 -29.94 -10.25 20.60
N ALA A 128 -29.48 -10.40 19.35
CA ALA A 128 -30.31 -11.02 18.32
C ALA A 128 -30.59 -12.50 18.63
N ALA A 129 -29.59 -13.15 19.22
CA ALA A 129 -29.68 -14.57 19.52
C ALA A 129 -30.65 -14.74 20.68
N GLU A 130 -30.52 -13.89 21.69
CA GLU A 130 -31.36 -13.96 22.88
C GLU A 130 -32.78 -13.49 22.59
N HIS A 131 -33.14 -13.24 21.32
CA HIS A 131 -34.50 -12.81 20.98
C HIS A 131 -34.98 -13.56 19.73
N GLY A 132 -34.36 -14.68 19.41
CA GLY A 132 -34.72 -15.48 18.24
C GLY A 132 -34.66 -14.73 16.93
N ILE A 133 -33.63 -13.86 16.77
CA ILE A 133 -33.39 -13.18 15.50
C ILE A 133 -32.10 -13.74 14.85
N ASP A 134 -32.21 -14.22 13.61
CA ASP A 134 -31.02 -14.56 12.79
C ASP A 134 -30.28 -13.29 12.36
N TYR A 135 -28.98 -13.25 12.64
CA TYR A 135 -28.21 -12.02 12.52
C TYR A 135 -26.93 -12.23 11.68
N LEU A 136 -26.96 -11.64 10.49
CA LEU A 136 -25.77 -11.32 9.72
C LEU A 136 -25.44 -9.83 9.84
N ASP A 137 -24.20 -9.56 10.24
CA ASP A 137 -23.55 -8.25 10.26
C ASP A 137 -22.62 -8.10 9.06
N GLY A 138 -22.53 -6.86 8.57
CA GLY A 138 -21.85 -6.56 7.31
C GLY A 138 -21.22 -5.17 7.30
N THR A 139 -20.16 -5.04 6.49
CA THR A 139 -19.48 -3.77 6.33
C THR A 139 -19.27 -3.55 4.83
N ILE A 140 -19.77 -2.42 4.32
CA ILE A 140 -19.75 -2.12 2.90
C ILE A 140 -18.48 -1.35 2.59
N MET A 141 -17.72 -1.85 1.61
CA MET A 141 -16.45 -1.30 1.19
C MET A 141 -16.68 -0.72 -0.19
N ALA A 142 -17.45 0.36 -0.21
CA ALA A 142 -17.86 1.05 -1.41
C ALA A 142 -18.67 2.27 -1.02
N VAL A 143 -18.80 3.21 -1.97
CA VAL A 143 -19.68 4.36 -1.82
C VAL A 143 -21.06 4.01 -2.37
N PRO A 144 -22.15 4.75 -2.00
CA PRO A 144 -23.50 4.42 -2.44
C PRO A 144 -23.68 4.21 -3.95
N GLN A 145 -23.03 5.06 -4.74
CA GLN A 145 -23.01 5.02 -6.21
C GLN A 145 -22.24 3.80 -6.72
N GLY A 146 -21.61 3.04 -5.81
CA GLY A 146 -20.91 1.81 -6.16
C GLY A 146 -21.79 0.58 -5.94
N ILE A 147 -22.91 0.73 -5.22
CA ILE A 147 -23.76 -0.40 -4.93
C ILE A 147 -24.35 -0.92 -6.23
N GLY A 148 -24.31 -2.23 -6.40
CA GLY A 148 -24.69 -2.80 -7.67
C GLY A 148 -23.59 -2.76 -8.73
N GLN A 149 -22.51 -1.99 -8.53
CA GLN A 149 -21.46 -1.88 -9.54
C GLN A 149 -20.43 -2.99 -9.32
N PRO A 150 -19.54 -3.25 -10.31
CA PRO A 150 -18.57 -4.33 -10.20
C PRO A 150 -17.38 -3.90 -9.33
N GLY A 151 -16.90 -4.81 -8.46
CA GLY A 151 -15.81 -4.49 -7.54
C GLY A 151 -16.26 -3.79 -6.24
N SER A 152 -17.56 -3.57 -6.07
CA SER A 152 -18.06 -3.31 -4.73
C SER A 152 -18.02 -4.60 -3.94
N VAL A 153 -17.47 -4.55 -2.71
CA VAL A 153 -17.23 -5.70 -1.83
C VAL A 153 -17.93 -5.45 -0.51
N LEU A 154 -18.70 -6.45 -0.05
CA LEU A 154 -19.37 -6.39 1.24
C LEU A 154 -18.78 -7.47 2.11
N LEU A 155 -18.12 -7.12 3.20
CA LEU A 155 -17.67 -8.12 4.13
C LEU A 155 -18.88 -8.47 4.99
N LEU A 156 -19.07 -9.78 5.20
CA LEU A 156 -20.20 -10.33 5.94
C LEU A 156 -19.71 -11.28 7.02
N SER A 157 -20.43 -11.27 8.15
CA SER A 157 -20.10 -12.16 9.23
C SER A 157 -21.30 -12.32 10.17
N GLY A 158 -21.44 -13.50 10.79
CA GLY A 158 -22.60 -13.89 11.58
C GLY A 158 -23.20 -15.20 11.05
N SER A 159 -24.51 -15.21 10.77
CA SER A 159 -25.21 -16.41 10.39
C SER A 159 -24.88 -16.79 8.95
N ALA A 160 -24.36 -18.01 8.79
CA ALA A 160 -24.16 -18.58 7.46
C ALA A 160 -25.47 -18.79 6.71
N GLU A 161 -26.51 -19.19 7.48
CA GLU A 161 -27.79 -19.57 6.87
C GLU A 161 -28.38 -18.35 6.21
N VAL A 162 -28.31 -17.23 6.95
CA VAL A 162 -28.78 -15.97 6.40
C VAL A 162 -28.00 -15.68 5.12
N HIS A 163 -26.67 -15.81 5.21
CA HIS A 163 -25.79 -15.63 4.04
C HIS A 163 -26.21 -16.53 2.88
N SER A 164 -26.40 -17.84 3.19
CA SER A 164 -26.80 -18.84 2.20
C SER A 164 -28.16 -18.49 1.57
N GLY A 165 -29.17 -18.29 2.42
CA GLY A 165 -30.53 -18.05 1.97
C GLY A 165 -30.67 -16.77 1.17
N ARG A 166 -29.82 -15.75 1.44
CA ARG A 166 -30.03 -14.42 0.86
C ARG A 166 -28.93 -14.05 -0.12
N LYS A 167 -28.08 -15.04 -0.51
CA LYS A 167 -26.89 -14.80 -1.29
C LYS A 167 -27.24 -13.96 -2.52
N ALA A 168 -28.37 -14.24 -3.17
CA ALA A 168 -28.72 -13.55 -4.40
C ALA A 168 -29.10 -12.09 -4.13
N LEU A 169 -29.83 -11.90 -3.04
CA LEU A 169 -30.17 -10.59 -2.50
C LEU A 169 -28.89 -9.77 -2.28
N ILE A 170 -27.91 -10.37 -1.58
CA ILE A 170 -26.67 -9.70 -1.20
C ILE A 170 -25.80 -9.38 -2.43
N GLU A 171 -25.79 -10.23 -3.46
CA GLU A 171 -24.91 -10.03 -4.59
C GLU A 171 -25.42 -8.90 -5.47
N LEU A 172 -26.67 -8.47 -5.20
CA LEU A 172 -27.22 -7.29 -5.85
C LEU A 172 -26.43 -6.05 -5.43
N TRP A 173 -25.86 -6.09 -4.23
CA TRP A 173 -25.16 -4.94 -3.67
C TRP A 173 -23.70 -4.93 -4.05
N GLY A 174 -23.11 -6.12 -4.23
CA GLY A 174 -21.69 -6.25 -4.49
C GLY A 174 -21.23 -7.70 -4.33
N ASP A 175 -19.90 -7.91 -4.23
CA ASP A 175 -19.33 -9.23 -4.05
C ASP A 175 -19.30 -9.43 -2.54
N GLY A 176 -20.24 -10.25 -2.05
CA GLY A 176 -20.34 -10.58 -0.64
C GLY A 176 -19.25 -11.56 -0.23
N ASP A 177 -18.61 -11.33 0.90
CA ASP A 177 -17.55 -12.19 1.35
C ASP A 177 -17.88 -12.61 2.77
N TYR A 178 -18.41 -13.82 2.91
CA TYR A 178 -18.75 -14.37 4.22
C TYR A 178 -17.47 -14.86 4.89
N LEU A 179 -17.17 -14.28 6.06
CA LEU A 179 -15.91 -14.46 6.76
C LEU A 179 -16.03 -15.45 7.90
N GLY A 180 -17.26 -15.83 8.28
CA GLY A 180 -17.45 -16.80 9.36
C GLY A 180 -18.49 -16.36 10.38
N ALA A 181 -18.46 -17.01 11.54
CA ALA A 181 -19.64 -17.06 12.42
C ALA A 181 -19.59 -15.88 13.37
N ASP A 182 -18.40 -15.55 13.84
CA ASP A 182 -18.26 -14.41 14.72
C ASP A 182 -18.69 -13.09 14.04
N ALA A 183 -19.69 -12.40 14.59
CA ALA A 183 -20.29 -11.25 13.89
C ALA A 183 -19.34 -10.05 13.84
N GLY A 184 -18.34 -10.01 14.71
CA GLY A 184 -17.32 -8.97 14.69
C GLY A 184 -16.32 -9.03 13.52
N LEU A 185 -16.30 -10.09 12.72
CA LEU A 185 -15.21 -10.29 11.76
C LEU A 185 -15.26 -9.25 10.66
N SER A 186 -16.46 -8.96 10.15
CA SER A 186 -16.59 -8.05 9.03
C SER A 186 -16.00 -6.69 9.43
N ALA A 187 -16.32 -6.22 10.64
CA ALA A 187 -15.76 -4.97 11.12
C ALA A 187 -14.25 -5.08 11.33
N LEU A 188 -13.80 -6.23 11.80
CA LEU A 188 -12.39 -6.37 12.12
C LEU A 188 -11.56 -6.36 10.83
N TYR A 189 -12.01 -7.10 9.81
CA TYR A 189 -11.36 -7.13 8.51
C TYR A 189 -11.41 -5.74 7.86
N ASP A 190 -12.59 -5.12 7.89
CA ASP A 190 -12.75 -3.79 7.35
C ASP A 190 -11.68 -2.88 7.94
N LEU A 191 -11.57 -2.85 9.27
CA LEU A 191 -10.63 -1.92 9.88
C LEU A 191 -9.22 -2.28 9.46
N ALA A 192 -8.93 -3.58 9.32
CA ALA A 192 -7.59 -4.00 8.99
C ALA A 192 -7.24 -3.54 7.59
N LEU A 193 -8.23 -3.61 6.68
CA LEU A 193 -8.07 -3.17 5.31
C LEU A 193 -7.98 -1.65 5.23
N LEU A 194 -8.78 -0.93 5.99
CA LEU A 194 -8.69 0.53 5.99
C LEU A 194 -7.31 1.03 6.41
N GLY A 195 -6.69 0.38 7.42
CA GLY A 195 -5.29 0.59 7.76
C GLY A 195 -4.36 0.61 6.53
N VAL A 196 -4.54 -0.37 5.64
CA VAL A 196 -3.72 -0.40 4.45
C VAL A 196 -3.96 0.82 3.58
N MET A 197 -5.25 1.16 3.42
CA MET A 197 -5.65 2.30 2.62
C MET A 197 -5.00 3.57 3.16
N TRP A 198 -5.22 3.84 4.45
CA TRP A 198 -4.74 5.06 5.09
C TRP A 198 -3.22 5.18 4.94
N SER A 199 -2.50 4.04 5.10
CA SER A 199 -1.06 3.98 4.90
C SER A 199 -0.63 4.26 3.46
N THR A 200 -1.23 3.55 2.52
CA THR A 200 -0.80 3.65 1.13
C THR A 200 -1.05 5.08 0.68
N ILE A 201 -2.17 5.64 1.11
CA ILE A 201 -2.49 7.00 0.73
C ILE A 201 -1.47 7.99 1.33
N ALA A 202 -1.20 7.90 2.62
CA ALA A 202 -0.26 8.81 3.24
C ALA A 202 1.10 8.73 2.54
N SER A 203 1.59 7.51 2.33
CA SER A 203 2.91 7.29 1.79
C SER A 203 2.94 7.72 0.33
N PHE A 204 1.79 7.64 -0.38
CA PHE A 204 1.66 8.17 -1.73
C PHE A 204 1.85 9.68 -1.71
N LEU A 205 1.22 10.34 -0.73
CA LEU A 205 1.27 11.78 -0.65
C LEU A 205 2.63 12.24 -0.12
N HIS A 206 3.23 11.47 0.81
CA HIS A 206 4.62 11.72 1.18
C HIS A 206 5.50 11.71 -0.08
N GLY A 207 5.33 10.74 -0.93
CA GLY A 207 6.15 10.63 -2.15
C GLY A 207 5.91 11.76 -3.15
N ALA A 208 4.65 12.16 -3.26
CA ALA A 208 4.22 13.26 -4.10
C ALA A 208 4.80 14.57 -3.56
N ALA A 209 4.75 14.76 -2.24
CA ALA A 209 5.39 15.90 -1.61
C ALA A 209 6.88 15.98 -1.96
N LEU A 210 7.58 14.86 -1.70
CA LEU A 210 9.01 14.77 -1.97
C LEU A 210 9.31 15.13 -3.42
N LEU A 211 8.63 14.50 -4.38
CA LEU A 211 8.92 14.77 -5.79
C LEU A 211 8.46 16.18 -6.18
N GLY A 212 7.47 16.72 -5.46
CA GLY A 212 7.04 18.08 -5.68
C GLY A 212 8.19 19.06 -5.53
N THR A 213 9.19 18.73 -4.71
CA THR A 213 10.29 19.63 -4.48
C THR A 213 11.14 19.78 -5.73
N GLU A 214 11.04 18.83 -6.68
CA GLU A 214 11.75 18.90 -7.95
C GLU A 214 10.77 19.11 -9.11
N ASP A 215 9.61 19.69 -8.77
CA ASP A 215 8.60 20.15 -9.71
C ASP A 215 7.99 18.98 -10.48
N VAL A 216 7.98 17.79 -9.88
CA VAL A 216 7.20 16.67 -10.38
C VAL A 216 5.84 16.69 -9.71
N THR A 217 4.78 16.64 -10.52
CA THR A 217 3.41 16.68 -10.03
C THR A 217 2.99 15.30 -9.51
N ALA A 218 1.96 15.31 -8.67
CA ALA A 218 1.41 14.06 -8.15
C ALA A 218 0.92 13.18 -9.29
N GLN A 219 0.43 13.77 -10.37
CA GLN A 219 -0.03 13.01 -11.53
C GLN A 219 1.11 12.50 -12.40
N GLN A 220 2.26 13.16 -12.42
CA GLN A 220 3.43 12.58 -13.06
C GLN A 220 3.92 11.41 -12.23
N PHE A 221 3.90 11.55 -10.89
CA PHE A 221 4.25 10.48 -9.95
C PHE A 221 3.28 9.30 -10.08
N LEU A 222 2.01 9.58 -10.27
CA LEU A 222 0.97 8.57 -10.19
C LEU A 222 1.31 7.27 -10.94
N PRO A 223 1.57 7.26 -12.28
CA PRO A 223 1.80 6.02 -13.02
C PRO A 223 3.01 5.24 -12.53
N LYS A 224 4.01 5.93 -11.97
CA LYS A 224 5.11 5.19 -11.40
C LYS A 224 4.56 4.36 -10.24
N VAL A 225 3.71 5.01 -9.43
CA VAL A 225 3.21 4.41 -8.21
C VAL A 225 2.27 3.28 -8.58
N GLU A 226 1.47 3.46 -9.64
CA GLU A 226 0.54 2.43 -10.07
C GLU A 226 1.28 1.15 -10.50
N ARG A 227 2.35 1.30 -11.30
CA ARG A 227 3.16 0.14 -11.66
C ARG A 227 3.77 -0.46 -10.37
N TRP A 228 4.36 0.36 -9.51
CA TRP A 228 5.15 -0.16 -8.41
C TRP A 228 4.27 -0.90 -7.41
N LEU A 229 3.05 -0.42 -7.23
CA LEU A 229 2.07 -1.05 -6.37
C LEU A 229 1.83 -2.52 -6.74
N GLY A 230 1.76 -2.80 -8.04
CA GLY A 230 1.72 -4.15 -8.56
C GLY A 230 2.90 -5.00 -8.10
N ALA A 231 4.08 -4.37 -8.02
CA ALA A 231 5.24 -5.11 -7.55
C ALA A 231 5.09 -5.36 -6.04
N VAL A 232 4.66 -4.33 -5.31
CA VAL A 232 4.55 -4.45 -3.87
C VAL A 232 3.56 -5.56 -3.56
N ALA A 233 2.45 -5.53 -4.25
CA ALA A 233 1.43 -6.57 -4.15
C ALA A 233 2.06 -7.95 -4.33
N SER A 234 3.08 -8.05 -5.21
CA SER A 234 3.61 -9.36 -5.55
C SER A 234 4.55 -9.84 -4.44
N PHE A 235 5.05 -8.92 -3.60
CA PHE A 235 5.91 -9.28 -2.48
C PHE A 235 5.11 -9.82 -1.29
N LEU A 236 3.79 -9.53 -1.20
CA LEU A 236 3.03 -9.81 0.00
C LEU A 236 2.80 -11.34 0.21
N PRO A 237 2.64 -12.18 -0.82
CA PRO A 237 2.54 -13.62 -0.60
C PRO A 237 3.69 -14.20 0.21
N GLY A 238 4.92 -13.84 -0.19
CA GLY A 238 6.10 -14.32 0.49
C GLY A 238 6.13 -13.84 1.95
N ILE A 239 5.80 -12.56 2.15
CA ILE A 239 5.78 -11.93 3.46
C ILE A 239 4.74 -12.60 4.35
N ALA A 240 3.57 -12.90 3.78
CA ALA A 240 2.52 -13.50 4.56
C ALA A 240 2.95 -14.90 5.04
N ALA A 241 3.61 -15.65 4.15
CA ALA A 241 4.06 -17.00 4.47
C ALA A 241 5.07 -16.97 5.62
N GLN A 242 5.98 -16.00 5.62
CA GLN A 242 6.96 -15.96 6.69
C GLN A 242 6.29 -15.50 7.99
N ALA A 243 5.32 -14.60 7.87
CA ALA A 243 4.68 -14.11 9.08
C ALA A 243 4.03 -15.29 9.78
N ASP A 244 3.46 -16.20 8.99
CA ASP A 244 2.75 -17.36 9.52
C ASP A 244 3.73 -18.45 9.97
N SER A 245 4.84 -18.67 9.25
CA SER A 245 5.82 -19.68 9.64
C SER A 245 6.67 -19.23 10.82
N GLY A 246 7.01 -17.95 10.91
CA GLY A 246 7.92 -17.52 11.95
C GLY A 246 9.37 -17.57 11.47
N ASP A 247 9.59 -18.10 10.25
CA ASP A 247 10.93 -18.22 9.68
C ASP A 247 11.19 -16.99 8.82
N TYR A 248 11.97 -16.06 9.37
CA TYR A 248 12.08 -14.73 8.80
C TYR A 248 13.35 -14.57 7.99
N ALA A 249 14.19 -15.60 7.86
CA ALA A 249 15.52 -15.43 7.31
C ALA A 249 15.46 -15.09 5.83
N THR A 250 16.35 -14.21 5.35
CA THR A 250 16.48 -13.85 3.95
C THR A 250 17.92 -13.47 3.66
N ASP A 251 18.37 -13.75 2.43
CA ASP A 251 19.70 -13.42 1.96
C ASP A 251 19.67 -12.11 1.18
N VAL A 252 18.45 -11.54 0.96
CA VAL A 252 18.21 -10.48 -0.01
C VAL A 252 17.90 -9.15 0.70
N SER A 253 16.65 -8.90 1.14
CA SER A 253 16.31 -7.60 1.72
C SER A 253 16.01 -7.75 3.21
N GLY A 254 17.07 -7.75 4.01
CA GLY A 254 16.94 -7.93 5.45
C GLY A 254 16.57 -6.61 6.11
N LEU A 255 16.15 -6.68 7.38
CA LEU A 255 15.78 -5.49 8.12
C LEU A 255 16.83 -4.39 8.01
N ASP A 256 18.12 -4.76 8.03
CA ASP A 256 19.19 -3.81 8.25
C ASP A 256 19.16 -2.76 7.14
N ILE A 257 19.13 -3.22 5.88
CA ILE A 257 19.18 -2.35 4.72
C ILE A 257 17.83 -1.61 4.54
N ASN A 258 16.74 -2.23 4.94
CA ASN A 258 15.44 -1.57 4.88
C ASN A 258 15.37 -0.43 5.89
N VAL A 259 15.88 -0.67 7.12
CA VAL A 259 15.92 0.35 8.17
C VAL A 259 16.84 1.51 7.75
N ALA A 260 17.97 1.17 7.13
CA ALA A 260 18.86 2.19 6.61
C ALA A 260 18.13 3.00 5.54
N GLY A 261 17.44 2.31 4.63
CA GLY A 261 16.74 3.01 3.57
C GLY A 261 15.70 3.96 4.13
N LEU A 262 14.97 3.50 5.15
CA LEU A 262 13.93 4.32 5.75
C LEU A 262 14.56 5.59 6.30
N ASP A 263 15.72 5.40 6.94
CA ASP A 263 16.46 6.49 7.54
C ASP A 263 16.86 7.47 6.43
N LEU A 264 17.29 6.91 5.31
CA LEU A 264 17.72 7.77 4.23
C LEU A 264 16.51 8.54 3.68
N LEU A 265 15.36 7.88 3.53
CA LEU A 265 14.17 8.57 3.05
C LEU A 265 13.81 9.74 3.97
N ALA A 266 13.89 9.53 5.27
CA ALA A 266 13.70 10.64 6.20
C ALA A 266 14.66 11.80 5.91
N ARG A 267 15.97 11.53 5.92
CA ARG A 267 16.96 12.60 5.79
C ARG A 267 16.79 13.36 4.46
N VAL A 268 16.63 12.62 3.37
CA VAL A 268 16.45 13.22 2.06
C VAL A 268 15.18 14.08 2.00
N SER A 269 14.13 13.57 2.62
CA SER A 269 12.89 14.32 2.76
C SER A 269 13.19 15.67 3.43
N ARG A 270 13.87 15.66 4.60
CA ARG A 270 14.23 16.89 5.26
C ARG A 270 15.11 17.76 4.35
N ALA A 271 16.13 17.15 3.73
CA ALA A 271 17.05 17.96 2.94
C ALA A 271 16.32 18.64 1.79
N GLN A 272 15.34 17.95 1.20
CA GLN A 272 14.72 18.45 -0.03
C GLN A 272 13.68 19.53 0.31
N GLY A 273 13.26 19.56 1.59
CA GLY A 273 12.45 20.63 2.15
C GLY A 273 11.00 20.27 2.50
N ILE A 274 10.74 19.06 3.04
CA ILE A 274 9.42 18.64 3.52
C ILE A 274 9.60 17.96 4.86
N GLY A 275 8.48 17.60 5.52
CA GLY A 275 8.49 16.92 6.80
C GLY A 275 8.90 15.45 6.70
N THR A 276 8.93 14.76 7.85
CA THR A 276 9.41 13.40 7.93
C THR A 276 8.46 12.47 8.67
N ASP A 277 7.19 12.88 8.85
CA ASP A 277 6.25 12.13 9.65
C ASP A 277 6.22 10.67 9.21
N VAL A 278 6.04 10.40 7.91
CA VAL A 278 5.74 9.06 7.47
C VAL A 278 7.02 8.22 7.55
N PRO A 279 8.14 8.65 6.93
CA PRO A 279 9.37 7.87 7.02
C PRO A 279 9.82 7.69 8.46
N ALA A 280 9.71 8.73 9.29
CA ALA A 280 10.27 8.66 10.63
C ALA A 280 9.49 7.64 11.43
N ALA A 281 8.18 7.60 11.27
CA ALA A 281 7.38 6.64 12.02
C ALA A 281 7.69 5.23 11.53
N LEU A 282 7.86 5.07 10.22
CA LEU A 282 8.15 3.75 9.68
C LEU A 282 9.52 3.30 10.17
N HIS A 283 10.50 4.22 10.20
CA HIS A 283 11.87 3.89 10.58
C HIS A 283 11.91 3.27 11.98
N GLU A 284 11.23 3.96 12.88
CA GLU A 284 11.16 3.57 14.27
C GLU A 284 10.57 2.17 14.40
N LEU A 285 9.41 1.95 13.77
CA LEU A 285 8.71 0.69 13.93
C LEU A 285 9.55 -0.49 13.45
N TYR A 286 10.18 -0.36 12.27
CA TYR A 286 10.97 -1.41 11.68
C TYR A 286 12.25 -1.65 12.50
N ALA A 287 12.80 -0.59 13.11
CA ALA A 287 14.03 -0.70 13.87
C ALA A 287 13.77 -1.42 15.19
N ARG A 288 12.56 -1.26 15.71
CA ARG A 288 12.18 -1.89 16.96
C ARG A 288 12.40 -3.38 16.83
N ARG A 289 12.08 -3.94 15.66
CA ARG A 289 12.19 -5.39 15.50
C ARG A 289 13.68 -5.74 15.45
N LEU A 290 14.40 -4.93 14.67
CA LEU A 290 15.82 -5.10 14.44
C LEU A 290 16.54 -5.21 15.77
N ALA A 291 16.22 -4.25 16.63
CA ALA A 291 16.62 -4.27 18.02
C ALA A 291 16.51 -5.67 18.61
N GLN A 292 15.29 -6.21 18.59
CA GLN A 292 14.93 -7.46 19.25
C GLN A 292 15.47 -8.68 18.49
N GLY A 293 15.53 -8.62 17.13
CA GLY A 293 15.76 -9.78 16.27
C GLY A 293 17.14 -9.81 15.58
N SER A 294 17.16 -10.09 14.26
CA SER A 294 18.40 -10.25 13.50
C SER A 294 18.41 -9.42 12.23
N ALA A 295 19.61 -8.97 11.82
CA ALA A 295 19.78 -8.05 10.73
C ALA A 295 19.32 -8.67 9.41
N ASN A 296 19.24 -9.98 9.38
CA ASN A 296 18.88 -10.72 8.17
C ASN A 296 17.41 -11.16 8.24
N ASP A 297 16.69 -10.73 9.29
CA ASP A 297 15.25 -10.88 9.31
C ASP A 297 14.64 -10.14 8.11
N GLY A 298 13.72 -10.80 7.42
CA GLY A 298 12.81 -10.15 6.50
C GLY A 298 11.83 -9.20 7.19
N LEU A 299 11.13 -8.46 6.35
CA LEU A 299 10.21 -7.45 6.82
C LEU A 299 9.03 -8.11 7.51
N ALA A 300 8.73 -9.37 7.13
CA ALA A 300 7.70 -10.13 7.80
C ALA A 300 7.88 -10.08 9.31
N SER A 301 9.14 -9.96 9.79
CA SER A 301 9.45 -10.07 11.22
C SER A 301 8.69 -9.03 12.04
N LEU A 302 8.28 -7.96 11.36
CA LEU A 302 7.63 -6.84 12.01
C LEU A 302 6.31 -7.22 12.66
N ILE A 303 5.62 -8.25 12.14
CA ILE A 303 4.40 -8.72 12.78
C ILE A 303 4.67 -9.09 14.24
N ASP A 304 5.86 -9.60 14.51
CA ASP A 304 6.21 -9.99 15.86
C ASP A 304 6.20 -8.77 16.78
N THR A 305 6.78 -7.67 16.32
CA THR A 305 6.84 -6.41 17.06
C THR A 305 5.44 -5.88 17.35
N ILE A 306 4.51 -6.05 16.39
CA ILE A 306 3.20 -5.42 16.47
C ILE A 306 2.32 -6.24 17.40
N ARG A 307 2.39 -7.56 17.31
CA ARG A 307 1.71 -8.44 18.26
C ARG A 307 2.14 -8.13 19.69
N ARG A 308 3.43 -8.18 19.98
CA ARG A 308 3.95 -7.92 21.32
C ARG A 308 4.00 -6.40 21.54
N GLY A 309 2.83 -5.77 21.59
CA GLY A 309 2.77 -4.33 21.79
C GLY A 309 1.56 -3.91 22.61
N ARG B 24 27.72 -6.98 -29.36
CA ARG B 24 27.80 -7.12 -27.87
C ARG B 24 29.15 -6.54 -27.39
N GLU B 25 29.16 -5.24 -27.06
CA GLU B 25 30.36 -4.48 -26.70
C GLU B 25 30.90 -4.96 -25.35
N ARG B 26 32.21 -4.76 -25.14
CA ARG B 26 32.85 -5.12 -23.88
C ARG B 26 32.44 -4.09 -22.83
N VAL B 27 32.13 -4.59 -21.63
CA VAL B 27 31.70 -3.78 -20.50
C VAL B 27 32.58 -4.11 -19.31
N THR B 28 32.78 -3.12 -18.43
CA THR B 28 33.50 -3.36 -17.20
C THR B 28 32.59 -3.20 -16.00
N VAL B 29 32.70 -4.11 -15.03
CA VAL B 29 31.99 -3.96 -13.76
C VAL B 29 33.02 -3.79 -12.65
N LEU B 30 32.84 -2.73 -11.86
CA LEU B 30 33.64 -2.50 -10.65
C LEU B 30 32.81 -2.78 -9.40
N GLY B 31 33.30 -3.67 -8.54
CA GLY B 31 32.56 -4.06 -7.35
C GLY B 31 31.75 -5.34 -7.59
N LEU B 32 32.15 -6.41 -6.91
CA LEU B 32 31.52 -7.71 -7.14
C LEU B 32 30.92 -8.21 -5.84
N GLY B 33 30.12 -7.34 -5.22
CA GLY B 33 29.17 -7.76 -4.22
C GLY B 33 28.02 -8.52 -4.89
N ARG B 34 27.02 -8.83 -4.09
CA ARG B 34 25.93 -9.65 -4.57
C ARG B 34 25.31 -9.00 -5.82
N MET B 35 25.15 -7.68 -5.80
CA MET B 35 24.53 -6.99 -6.93
C MET B 35 25.49 -6.79 -8.12
N GLY B 36 26.76 -6.46 -7.85
CA GLY B 36 27.75 -6.34 -8.89
C GLY B 36 27.94 -7.65 -9.63
N ALA B 37 28.02 -8.74 -8.90
CA ALA B 37 28.17 -10.06 -9.47
C ALA B 37 27.01 -10.40 -10.41
N ALA B 38 25.81 -9.93 -10.08
CA ALA B 38 24.63 -10.23 -10.88
C ALA B 38 24.60 -9.36 -12.15
N LEU B 39 25.10 -8.10 -12.05
CA LEU B 39 25.22 -7.25 -13.23
C LEU B 39 26.19 -7.90 -14.21
N ALA B 40 27.41 -8.23 -13.73
CA ALA B 40 28.38 -8.97 -14.53
C ALA B 40 27.80 -10.24 -15.18
N GLY B 41 27.12 -11.08 -14.40
CA GLY B 41 26.52 -12.33 -14.85
C GLY B 41 25.49 -12.15 -15.96
N ALA B 42 24.73 -11.07 -15.89
CA ALA B 42 23.72 -10.82 -16.91
C ALA B 42 24.39 -10.36 -18.19
N LEU B 43 25.51 -9.61 -18.08
CA LEU B 43 26.32 -9.23 -19.23
C LEU B 43 26.87 -10.48 -19.94
N LEU B 44 27.37 -11.47 -19.18
CA LEU B 44 27.93 -12.69 -19.78
C LEU B 44 26.85 -13.54 -20.44
N ALA B 45 25.69 -13.63 -19.82
CA ALA B 45 24.55 -14.36 -20.40
C ALA B 45 23.99 -13.69 -21.64
N ALA B 46 24.36 -12.44 -21.93
CA ALA B 46 24.03 -11.84 -23.21
C ALA B 46 25.23 -11.80 -24.15
N GLY B 47 26.30 -12.53 -23.83
CA GLY B 47 27.48 -12.61 -24.69
C GLY B 47 28.36 -11.37 -24.77
N HIS B 48 28.33 -10.49 -23.74
CA HIS B 48 29.23 -9.37 -23.65
C HIS B 48 30.54 -9.83 -23.00
N PRO B 49 31.68 -9.57 -23.65
CA PRO B 49 32.98 -9.72 -22.97
C PRO B 49 32.91 -8.94 -21.68
N THR B 50 33.11 -9.61 -20.54
CA THR B 50 32.89 -8.93 -19.29
C THR B 50 34.19 -8.88 -18.48
N THR B 51 34.72 -7.68 -18.32
CA THR B 51 35.91 -7.48 -17.49
C THR B 51 35.45 -6.97 -16.14
N VAL B 52 36.02 -7.56 -15.07
CA VAL B 52 35.63 -7.20 -13.72
C VAL B 52 36.85 -6.85 -12.87
N TRP B 53 36.57 -6.14 -11.78
CA TRP B 53 37.50 -5.94 -10.70
C TRP B 53 36.75 -5.87 -9.38
N ASN B 54 37.46 -6.29 -8.31
CA ASN B 54 37.02 -6.14 -6.94
C ASN B 54 38.25 -6.03 -6.02
N ARG B 55 38.12 -5.30 -4.92
CA ARG B 55 39.31 -5.08 -4.10
C ARG B 55 39.91 -6.41 -3.63
N SER B 56 39.05 -7.41 -3.49
CA SER B 56 39.49 -8.76 -3.24
C SER B 56 39.08 -9.64 -4.41
N ALA B 57 39.99 -10.57 -4.76
CA ALA B 57 39.99 -11.22 -6.05
C ALA B 57 39.12 -12.47 -6.04
N ALA B 58 39.04 -13.14 -4.90
CA ALA B 58 38.37 -14.44 -4.85
C ALA B 58 36.89 -14.30 -5.18
N LYS B 59 36.33 -13.11 -4.97
CA LYS B 59 34.93 -12.85 -5.25
C LYS B 59 34.61 -12.87 -6.76
N ALA B 60 35.64 -12.81 -7.63
CA ALA B 60 35.46 -12.91 -9.08
C ALA B 60 35.51 -14.35 -9.57
N GLY B 61 35.74 -15.32 -8.68
CA GLY B 61 36.14 -16.64 -9.12
C GLY B 61 35.06 -17.30 -9.98
N ASP B 62 33.81 -17.32 -9.50
CA ASP B 62 32.67 -17.86 -10.22
C ASP B 62 32.44 -17.13 -11.55
N LEU B 63 32.50 -15.82 -11.55
CA LEU B 63 32.38 -15.04 -12.78
C LEU B 63 33.49 -15.39 -13.80
N VAL B 64 34.72 -15.62 -13.34
CA VAL B 64 35.80 -15.98 -14.23
C VAL B 64 35.55 -17.38 -14.83
N ALA B 65 35.10 -18.33 -14.01
CA ALA B 65 34.69 -19.63 -14.52
C ALA B 65 33.62 -19.49 -15.61
N ARG B 66 32.80 -18.44 -15.53
CA ARG B 66 31.72 -18.16 -16.47
C ARG B 66 32.19 -17.19 -17.54
N GLY B 67 33.50 -16.99 -17.65
CA GLY B 67 34.03 -16.32 -18.82
C GLY B 67 34.35 -14.85 -18.64
N ALA B 68 34.16 -14.30 -17.43
CA ALA B 68 34.63 -12.97 -17.13
C ALA B 68 36.15 -12.97 -17.04
N VAL B 69 36.73 -11.79 -17.23
CA VAL B 69 38.15 -11.56 -17.10
C VAL B 69 38.33 -10.66 -15.88
N LEU B 70 39.05 -11.20 -14.89
CA LEU B 70 39.37 -10.44 -13.72
C LEU B 70 40.58 -9.59 -14.06
N ALA B 71 40.43 -8.25 -14.05
CA ALA B 71 41.57 -7.34 -14.19
C ALA B 71 42.39 -7.26 -12.88
N GLY B 72 43.68 -7.00 -13.04
CA GLY B 72 44.59 -6.96 -11.90
C GLY B 72 44.41 -5.73 -11.01
N THR B 73 44.09 -4.58 -11.65
CA THR B 73 43.80 -3.33 -10.97
C THR B 73 42.50 -2.71 -11.49
N ALA B 74 41.87 -1.83 -10.68
CA ALA B 74 40.71 -1.05 -11.15
C ALA B 74 40.99 -0.35 -12.48
N ALA B 75 42.17 0.25 -12.59
CA ALA B 75 42.54 1.04 -13.75
C ALA B 75 42.62 0.20 -15.03
N GLU B 76 43.14 -1.02 -14.92
CA GLU B 76 43.19 -1.93 -16.06
C GLU B 76 41.77 -2.23 -16.53
N ALA B 77 40.89 -2.45 -15.56
CA ALA B 77 39.51 -2.80 -15.83
C ALA B 77 38.80 -1.69 -16.61
N VAL B 78 38.99 -0.42 -16.19
CA VAL B 78 38.43 0.74 -16.87
C VAL B 78 38.93 0.85 -18.33
N ARG B 79 40.25 0.64 -18.52
CA ARG B 79 40.86 0.76 -19.84
C ARG B 79 40.36 -0.33 -20.77
N ALA B 80 39.65 -1.33 -20.25
CA ALA B 80 39.23 -2.40 -21.12
C ALA B 80 37.93 -2.08 -21.86
N SER B 81 37.15 -1.09 -21.43
CA SER B 81 35.80 -1.03 -21.97
C SER B 81 35.41 0.43 -22.17
N GLU B 82 34.51 0.68 -23.12
CA GLU B 82 33.94 2.00 -23.32
C GLU B 82 32.88 2.34 -22.24
N VAL B 83 32.32 1.32 -21.57
CA VAL B 83 31.29 1.46 -20.55
C VAL B 83 31.77 0.83 -19.22
N VAL B 84 31.71 1.62 -18.14
CA VAL B 84 32.02 1.16 -16.82
C VAL B 84 30.78 1.25 -15.93
N VAL B 85 30.43 0.08 -15.34
CA VAL B 85 29.38 -0.05 -14.37
C VAL B 85 30.04 -0.20 -13.01
N VAL B 86 29.63 0.63 -12.05
CA VAL B 86 30.18 0.58 -10.71
C VAL B 86 29.04 0.26 -9.76
N CYS B 87 29.31 -0.65 -8.83
CA CYS B 87 28.29 -1.03 -7.87
C CYS B 87 28.94 -1.49 -6.59
N VAL B 88 29.06 -0.54 -5.65
CA VAL B 88 29.77 -0.74 -4.39
C VAL B 88 28.84 -0.31 -3.27
N THR B 89 29.31 -0.37 -2.02
CA THR B 89 28.42 -0.27 -0.88
C THR B 89 27.77 1.10 -0.80
N ASP B 90 28.56 2.16 -0.99
CA ASP B 90 28.05 3.50 -0.81
C ASP B 90 28.92 4.44 -1.64
N TYR B 91 28.54 5.72 -1.62
CA TYR B 91 29.18 6.73 -2.43
C TYR B 91 30.48 7.23 -1.81
N ASP B 92 30.77 6.90 -0.54
CA ASP B 92 32.09 7.23 -0.02
C ASP B 92 33.08 6.22 -0.57
N VAL B 93 32.69 4.95 -0.51
CA VAL B 93 33.49 3.92 -1.14
C VAL B 93 33.61 4.21 -2.65
N ALA B 94 32.52 4.61 -3.31
CA ALA B 94 32.57 4.88 -4.74
C ALA B 94 33.53 6.04 -5.10
N GLY B 95 33.56 7.12 -4.28
CA GLY B 95 34.47 8.24 -4.48
C GLY B 95 35.95 7.86 -4.26
N ASP B 96 36.19 6.99 -3.27
CA ASP B 96 37.54 6.51 -2.95
C ASP B 96 38.08 5.72 -4.15
N LEU B 97 37.20 4.96 -4.79
CA LEU B 97 37.55 4.09 -5.90
C LEU B 97 37.65 4.87 -7.21
N LEU B 98 36.68 5.78 -7.45
CA LEU B 98 36.58 6.45 -8.73
C LEU B 98 37.50 7.68 -8.83
N GLY B 99 37.73 8.41 -7.73
CA GLY B 99 38.54 9.62 -7.79
C GLY B 99 39.86 9.47 -8.53
N PRO B 100 40.73 8.54 -8.09
CA PRO B 100 41.96 8.21 -8.82
C PRO B 100 41.85 7.78 -10.28
N LEU B 101 40.65 7.39 -10.73
CA LEU B 101 40.48 6.79 -12.06
C LEU B 101 39.95 7.85 -13.02
N ALA B 102 39.78 9.07 -12.50
CA ALA B 102 39.25 10.21 -13.26
C ALA B 102 39.76 10.28 -14.70
N GLY B 103 41.10 10.35 -14.88
CA GLY B 103 41.71 10.50 -16.20
C GLY B 103 41.55 9.25 -17.05
N GLU B 104 41.41 8.11 -16.35
CA GLU B 104 41.21 6.83 -17.01
C GLU B 104 39.77 6.70 -17.53
N LEU B 105 38.81 7.35 -16.83
CA LEU B 105 37.39 7.27 -17.15
C LEU B 105 37.01 8.29 -18.23
N ALA B 106 37.80 9.37 -18.29
CA ALA B 106 37.56 10.42 -19.27
C ALA B 106 37.35 9.80 -20.65
N GLY B 107 36.23 10.18 -21.26
CA GLY B 107 35.91 9.76 -22.60
C GLY B 107 35.08 8.49 -22.61
N ARG B 108 34.85 7.92 -21.41
CA ARG B 108 34.07 6.68 -21.32
C ARG B 108 32.71 6.99 -20.71
N ALA B 109 31.83 6.01 -20.75
CA ALA B 109 30.55 6.11 -20.08
C ALA B 109 30.64 5.42 -18.70
N LEU B 110 30.11 6.10 -17.66
CA LEU B 110 30.07 5.56 -16.32
C LEU B 110 28.61 5.43 -15.88
N ILE B 111 28.25 4.20 -15.49
CA ILE B 111 26.96 3.93 -14.91
C ILE B 111 27.14 3.50 -13.44
N ASN B 112 26.63 4.34 -12.54
CA ASN B 112 26.75 4.13 -11.11
C ASN B 112 25.44 3.58 -10.54
N LEU B 113 25.43 2.29 -10.19
CA LEU B 113 24.25 1.64 -9.64
C LEU B 113 24.43 1.42 -8.15
N THR B 114 25.44 2.08 -7.57
CA THR B 114 25.55 2.26 -6.14
C THR B 114 24.32 3.02 -5.60
N SER B 115 23.86 2.63 -4.40
CA SER B 115 22.68 3.23 -3.79
C SER B 115 23.11 4.38 -2.92
N GLY B 116 22.32 5.46 -3.00
CA GLY B 116 22.60 6.61 -2.19
C GLY B 116 21.51 7.66 -2.35
N SER B 117 21.83 8.91 -2.03
CA SER B 117 20.88 9.98 -1.92
C SER B 117 20.92 10.77 -3.22
N PRO B 118 19.91 11.62 -3.51
CA PRO B 118 20.00 12.55 -4.63
C PRO B 118 21.27 13.38 -4.58
N GLU B 119 21.71 13.77 -3.37
CA GLU B 119 22.84 14.68 -3.30
C GLU B 119 24.10 13.96 -3.74
N GLN B 120 24.29 12.73 -3.26
CA GLN B 120 25.47 11.97 -3.62
C GLN B 120 25.53 11.77 -5.13
N ALA B 121 24.40 11.42 -5.78
CA ALA B 121 24.42 11.27 -7.23
C ALA B 121 24.77 12.59 -7.95
N ARG B 122 24.33 13.74 -7.37
CA ARG B 122 24.49 15.04 -7.99
C ARG B 122 25.97 15.45 -7.94
N ARG B 123 26.62 15.20 -6.79
CA ARG B 123 28.05 15.29 -6.60
C ARG B 123 28.79 14.49 -7.65
N SER B 124 28.40 13.22 -7.84
CA SER B 124 29.15 12.37 -8.74
C SER B 124 29.05 12.91 -10.16
N ALA B 125 27.85 13.40 -10.53
CA ALA B 125 27.57 13.92 -11.88
C ALA B 125 28.43 15.16 -12.15
N ASP B 126 28.57 15.99 -11.11
CA ASP B 126 29.39 17.19 -11.14
C ASP B 126 30.81 16.77 -11.48
N TRP B 127 31.36 15.87 -10.67
CA TRP B 127 32.70 15.36 -10.86
C TRP B 127 32.84 14.74 -12.25
N ALA B 128 31.81 14.01 -12.67
CA ALA B 128 31.96 13.30 -13.92
C ALA B 128 32.10 14.27 -15.07
N ALA B 129 31.43 15.43 -14.97
CA ALA B 129 31.41 16.41 -16.04
C ALA B 129 32.72 17.19 -16.12
N GLU B 130 33.34 17.46 -14.95
CA GLU B 130 34.66 18.03 -14.92
C GLU B 130 35.53 17.23 -15.93
N HIS B 131 35.44 15.89 -15.93
CA HIS B 131 36.44 15.06 -16.60
C HIS B 131 35.96 14.46 -17.92
N GLY B 132 34.78 14.79 -18.41
CA GLY B 132 34.39 14.29 -19.72
C GLY B 132 33.95 12.84 -19.61
N ILE B 133 33.48 12.50 -18.41
CA ILE B 133 32.86 11.22 -18.15
C ILE B 133 31.35 11.32 -18.35
N ASP B 134 30.82 10.63 -19.35
CA ASP B 134 29.37 10.50 -19.50
C ASP B 134 28.75 9.70 -18.36
N TYR B 135 27.94 10.37 -17.54
CA TYR B 135 27.52 9.84 -16.26
C TYR B 135 26.02 9.55 -16.26
N LEU B 136 25.68 8.28 -16.04
CA LEU B 136 24.33 7.90 -15.76
C LEU B 136 24.29 7.26 -14.37
N ASP B 137 23.45 7.81 -13.50
CA ASP B 137 23.26 7.28 -12.17
C ASP B 137 21.96 6.48 -12.21
N GLY B 138 21.98 5.30 -11.62
CA GLY B 138 20.79 4.49 -11.53
C GLY B 138 20.61 3.91 -10.13
N THR B 139 19.36 3.62 -9.82
CA THR B 139 18.99 2.95 -8.59
C THR B 139 18.17 1.69 -8.92
N ILE B 140 18.60 0.55 -8.40
CA ILE B 140 17.98 -0.72 -8.74
C ILE B 140 16.82 -0.96 -7.77
N MET B 141 15.65 -1.30 -8.32
CA MET B 141 14.45 -1.56 -7.55
C MET B 141 14.14 -3.05 -7.67
N ALA B 142 14.82 -3.87 -6.89
CA ALA B 142 14.90 -5.30 -7.13
C ALA B 142 16.14 -5.91 -6.49
N VAL B 143 16.06 -7.21 -6.24
CA VAL B 143 17.13 -7.95 -5.60
C VAL B 143 18.07 -8.42 -6.70
N PRO B 144 19.30 -8.95 -6.39
CA PRO B 144 20.18 -9.56 -7.40
C PRO B 144 19.62 -10.69 -8.28
N GLN B 145 18.86 -11.63 -7.67
CA GLN B 145 18.14 -12.68 -8.39
C GLN B 145 17.23 -12.04 -9.43
N GLY B 146 16.90 -10.76 -9.18
CA GLY B 146 16.03 -10.00 -10.04
C GLY B 146 16.75 -9.38 -11.24
N ILE B 147 18.08 -9.29 -11.21
CA ILE B 147 18.76 -8.70 -12.36
C ILE B 147 18.54 -9.63 -13.56
N GLY B 148 17.92 -9.09 -14.62
CA GLY B 148 17.67 -9.84 -15.83
C GLY B 148 16.19 -10.06 -16.10
N GLN B 149 15.34 -9.89 -15.08
CA GLN B 149 13.91 -10.16 -15.20
C GLN B 149 13.24 -8.85 -15.60
N PRO B 150 12.22 -8.83 -16.51
CA PRO B 150 11.55 -7.59 -16.89
C PRO B 150 10.76 -6.89 -15.78
N GLY B 151 10.31 -7.70 -14.80
CA GLY B 151 9.81 -7.20 -13.53
C GLY B 151 10.74 -6.18 -12.88
N SER B 152 12.08 -6.31 -13.12
CA SER B 152 13.10 -5.46 -12.55
C SER B 152 13.12 -4.09 -13.18
N VAL B 153 12.84 -3.07 -12.37
CA VAL B 153 12.93 -1.69 -12.79
C VAL B 153 14.28 -1.17 -12.27
N LEU B 154 15.02 -0.57 -13.21
CA LEU B 154 16.11 0.34 -12.92
C LEU B 154 15.64 1.76 -13.17
N LEU B 155 15.59 2.57 -12.10
CA LEU B 155 15.47 4.01 -12.26
C LEU B 155 16.82 4.60 -12.71
N LEU B 156 16.76 5.50 -13.69
CA LEU B 156 17.97 6.03 -14.27
C LEU B 156 17.79 7.53 -14.41
N SER B 157 18.86 8.28 -14.23
CA SER B 157 18.83 9.73 -14.32
C SER B 157 20.24 10.25 -14.59
N GLY B 158 20.35 11.33 -15.36
CA GLY B 158 21.63 11.81 -15.85
C GLY B 158 21.70 11.81 -17.38
N SER B 159 22.85 11.46 -17.96
CA SER B 159 23.11 11.56 -19.38
C SER B 159 22.06 10.85 -20.23
N ALA B 160 21.30 11.67 -20.99
CA ALA B 160 20.43 11.17 -22.04
C ALA B 160 21.23 10.31 -23.03
N GLU B 161 22.43 10.75 -23.40
CA GLU B 161 23.23 10.07 -24.41
C GLU B 161 23.56 8.62 -24.00
N VAL B 162 24.03 8.44 -22.75
CA VAL B 162 24.37 7.13 -22.22
C VAL B 162 23.12 6.28 -22.21
N HIS B 163 21.99 6.81 -21.73
CA HIS B 163 20.75 6.04 -21.64
C HIS B 163 20.38 5.52 -23.02
N SER B 164 20.37 6.47 -23.97
CA SER B 164 20.05 6.22 -25.37
C SER B 164 21.02 5.21 -25.99
N GLY B 165 22.32 5.56 -26.02
CA GLY B 165 23.38 4.74 -26.61
C GLY B 165 23.49 3.32 -26.04
N ARG B 166 23.24 3.15 -24.74
CA ARG B 166 23.43 1.85 -24.11
C ARG B 166 22.09 1.26 -23.62
N LYS B 167 20.96 1.65 -24.24
CA LYS B 167 19.66 1.22 -23.75
C LYS B 167 19.59 -0.30 -23.63
N ALA B 168 19.98 -1.00 -24.70
CA ALA B 168 19.81 -2.44 -24.77
C ALA B 168 20.68 -3.12 -23.73
N LEU B 169 21.84 -2.50 -23.50
CA LEU B 169 22.74 -2.93 -22.43
C LEU B 169 22.02 -2.85 -21.09
N ILE B 170 21.46 -1.67 -20.80
CA ILE B 170 20.77 -1.47 -19.53
C ILE B 170 19.56 -2.38 -19.42
N GLU B 171 18.84 -2.59 -20.53
CA GLU B 171 17.65 -3.43 -20.50
C GLU B 171 17.99 -4.87 -20.10
N LEU B 172 19.28 -5.29 -20.17
CA LEU B 172 19.71 -6.58 -19.65
C LEU B 172 19.50 -6.73 -18.15
N TRP B 173 19.53 -5.61 -17.43
CA TRP B 173 19.34 -5.72 -16.00
C TRP B 173 17.89 -5.57 -15.64
N GLY B 174 17.12 -4.93 -16.54
CA GLY B 174 15.69 -4.75 -16.29
C GLY B 174 15.14 -3.60 -17.10
N ASP B 175 13.91 -3.21 -16.74
CA ASP B 175 13.22 -2.14 -17.44
C ASP B 175 13.83 -0.82 -16.97
N GLY B 176 14.48 -0.13 -17.90
CA GLY B 176 15.10 1.14 -17.63
C GLY B 176 14.12 2.30 -17.80
N ASP B 177 13.82 2.99 -16.68
CA ASP B 177 12.98 4.17 -16.65
C ASP B 177 13.89 5.37 -16.47
N TYR B 178 14.08 6.09 -17.58
CA TYR B 178 14.95 7.24 -17.65
C TYR B 178 14.12 8.45 -17.25
N LEU B 179 14.55 9.15 -16.21
CA LEU B 179 13.71 10.13 -15.55
C LEU B 179 14.11 11.56 -15.89
N GLY B 180 15.14 11.74 -16.70
CA GLY B 180 15.64 13.06 -17.06
C GLY B 180 17.09 13.22 -16.61
N ALA B 181 17.53 14.49 -16.60
CA ALA B 181 18.94 14.85 -16.68
C ALA B 181 19.52 15.09 -15.29
N ASP B 182 18.68 15.41 -14.29
CA ASP B 182 19.16 15.56 -12.92
C ASP B 182 19.56 14.18 -12.40
N ALA B 183 20.89 13.96 -12.30
CA ALA B 183 21.46 12.73 -11.79
C ALA B 183 20.72 12.22 -10.56
N GLY B 184 20.21 13.14 -9.75
CA GLY B 184 19.67 12.77 -8.45
C GLY B 184 18.23 12.25 -8.47
N LEU B 185 17.52 12.35 -9.62
CA LEU B 185 16.12 11.98 -9.67
C LEU B 185 15.88 10.49 -9.42
N SER B 186 16.81 9.59 -9.78
CA SER B 186 16.56 8.17 -9.63
C SER B 186 16.52 7.82 -8.14
N ALA B 187 17.46 8.33 -7.36
CA ALA B 187 17.43 8.16 -5.92
C ALA B 187 16.13 8.66 -5.29
N LEU B 188 15.70 9.84 -5.75
CA LEU B 188 14.56 10.50 -5.15
C LEU B 188 13.28 9.72 -5.48
N TYR B 189 13.14 9.30 -6.72
CA TYR B 189 12.01 8.47 -7.10
C TYR B 189 12.07 7.16 -6.32
N ASP B 190 13.26 6.57 -6.23
CA ASP B 190 13.41 5.29 -5.56
C ASP B 190 12.94 5.37 -4.10
N LEU B 191 13.37 6.43 -3.40
CA LEU B 191 13.06 6.61 -1.99
C LEU B 191 11.57 6.87 -1.84
N ALA B 192 10.97 7.66 -2.75
CA ALA B 192 9.55 7.95 -2.68
C ALA B 192 8.70 6.66 -2.77
N LEU B 193 9.04 5.85 -3.77
CA LEU B 193 8.37 4.59 -4.05
C LEU B 193 8.60 3.62 -2.88
N LEU B 194 9.83 3.59 -2.32
CA LEU B 194 10.10 2.67 -1.22
C LEU B 194 9.24 3.04 -0.02
N GLY B 195 8.99 4.34 0.09
CA GLY B 195 8.06 4.82 1.07
C GLY B 195 6.75 4.04 1.03
N VAL B 196 6.23 3.91 -0.20
CA VAL B 196 4.92 3.32 -0.39
C VAL B 196 5.01 1.86 0.04
N MET B 197 6.09 1.21 -0.37
CA MET B 197 6.25 -0.21 -0.13
C MET B 197 6.34 -0.43 1.37
N TRP B 198 7.22 0.31 2.02
CA TRP B 198 7.43 0.10 3.45
C TRP B 198 6.12 0.25 4.18
N SER B 199 5.38 1.27 3.81
CA SER B 199 4.15 1.63 4.51
C SER B 199 3.04 0.66 4.15
N THR B 200 3.00 0.15 2.92
CA THR B 200 1.99 -0.84 2.56
C THR B 200 2.24 -2.17 3.29
N ILE B 201 3.51 -2.49 3.52
CA ILE B 201 3.87 -3.74 4.16
C ILE B 201 3.61 -3.64 5.67
N ALA B 202 4.07 -2.55 6.30
CA ALA B 202 3.79 -2.33 7.71
C ALA B 202 2.29 -2.48 8.02
N SER B 203 1.45 -1.86 7.21
CA SER B 203 0.03 -1.87 7.50
C SER B 203 -0.60 -3.23 7.18
N PHE B 204 -0.04 -3.98 6.23
CA PHE B 204 -0.48 -5.34 6.01
C PHE B 204 -0.21 -6.20 7.25
N LEU B 205 1.01 -6.07 7.80
CA LEU B 205 1.35 -6.85 8.97
C LEU B 205 0.57 -6.38 10.19
N HIS B 206 0.26 -5.09 10.27
CA HIS B 206 -0.61 -4.58 11.32
C HIS B 206 -1.95 -5.33 11.23
N GLY B 207 -2.56 -5.34 10.05
CA GLY B 207 -3.85 -5.99 9.90
C GLY B 207 -3.77 -7.50 10.12
N ALA B 208 -2.65 -8.13 9.70
CA ALA B 208 -2.43 -9.56 9.93
C ALA B 208 -2.39 -9.89 11.43
N ALA B 209 -1.65 -9.10 12.20
CA ALA B 209 -1.59 -9.21 13.65
C ALA B 209 -2.97 -9.07 14.27
N LEU B 210 -3.70 -8.05 13.79
CA LEU B 210 -5.00 -7.74 14.34
C LEU B 210 -5.95 -8.92 14.10
N LEU B 211 -5.99 -9.42 12.87
CA LEU B 211 -6.82 -10.56 12.58
C LEU B 211 -6.27 -11.85 13.21
N GLY B 212 -4.97 -11.84 13.52
CA GLY B 212 -4.36 -12.97 14.23
C GLY B 212 -4.93 -13.20 15.63
N THR B 213 -5.56 -12.15 16.20
CA THR B 213 -6.12 -12.26 17.53
C THR B 213 -7.43 -13.04 17.45
N GLU B 214 -7.87 -13.44 16.25
CA GLU B 214 -9.04 -14.29 16.09
C GLU B 214 -8.64 -15.53 15.32
N ASP B 215 -7.34 -15.88 15.41
CA ASP B 215 -6.73 -17.02 14.75
C ASP B 215 -6.90 -17.00 13.24
N VAL B 216 -7.07 -15.81 12.65
CA VAL B 216 -6.95 -15.64 11.21
C VAL B 216 -5.47 -15.37 10.93
N THR B 217 -4.91 -16.16 10.01
CA THR B 217 -3.49 -16.15 9.65
C THR B 217 -3.24 -15.12 8.54
N ALA B 218 -1.97 -14.78 8.36
CA ALA B 218 -1.60 -13.77 7.39
C ALA B 218 -1.93 -14.25 5.98
N GLN B 219 -1.77 -15.54 5.72
CA GLN B 219 -2.05 -16.08 4.40
C GLN B 219 -3.56 -16.11 4.13
N GLN B 220 -4.38 -16.10 5.21
CA GLN B 220 -5.80 -16.03 5.01
C GLN B 220 -6.19 -14.60 4.66
N PHE B 221 -5.52 -13.65 5.31
CA PHE B 221 -5.79 -12.24 5.16
C PHE B 221 -5.38 -11.78 3.74
N LEU B 222 -4.33 -12.40 3.18
CA LEU B 222 -3.62 -11.78 2.09
C LEU B 222 -4.54 -11.55 0.89
N PRO B 223 -5.37 -12.51 0.47
CA PRO B 223 -6.16 -12.29 -0.72
C PRO B 223 -7.16 -11.15 -0.57
N LYS B 224 -7.65 -10.91 0.65
CA LYS B 224 -8.58 -9.80 0.86
C LYS B 224 -7.82 -8.51 0.68
N VAL B 225 -6.56 -8.52 1.12
CA VAL B 225 -5.72 -7.35 0.97
C VAL B 225 -5.41 -7.10 -0.51
N GLU B 226 -5.18 -8.16 -1.28
CA GLU B 226 -4.80 -8.00 -2.69
C GLU B 226 -5.97 -7.41 -3.44
N ARG B 227 -7.17 -7.95 -3.20
CA ARG B 227 -8.35 -7.37 -3.80
C ARG B 227 -8.43 -5.89 -3.42
N TRP B 228 -8.29 -5.58 -2.12
CA TRP B 228 -8.57 -4.23 -1.66
C TRP B 228 -7.57 -3.29 -2.31
N LEU B 229 -6.36 -3.77 -2.54
CA LEU B 229 -5.32 -2.89 -3.06
C LEU B 229 -5.70 -2.35 -4.43
N GLY B 230 -6.44 -3.15 -5.19
CA GLY B 230 -7.04 -2.73 -6.44
C GLY B 230 -7.93 -1.51 -6.26
N ALA B 231 -8.74 -1.53 -5.20
CA ALA B 231 -9.58 -0.37 -4.92
C ALA B 231 -8.69 0.81 -4.54
N VAL B 232 -7.69 0.53 -3.70
CA VAL B 232 -6.84 1.62 -3.19
C VAL B 232 -6.16 2.33 -4.35
N ALA B 233 -5.62 1.58 -5.29
CA ALA B 233 -4.96 2.15 -6.46
C ALA B 233 -5.98 2.95 -7.27
N SER B 234 -7.21 2.46 -7.37
CA SER B 234 -8.23 3.22 -8.10
C SER B 234 -8.53 4.60 -7.46
N PHE B 235 -8.26 4.77 -6.16
CA PHE B 235 -8.50 6.03 -5.49
C PHE B 235 -7.41 7.04 -5.83
N LEU B 236 -6.24 6.60 -6.28
CA LEU B 236 -5.07 7.46 -6.27
C LEU B 236 -5.16 8.53 -7.35
N PRO B 237 -5.77 8.30 -8.54
CA PRO B 237 -5.83 9.34 -9.57
C PRO B 237 -6.59 10.58 -9.15
N GLY B 238 -7.67 10.39 -8.42
CA GLY B 238 -8.46 11.51 -7.93
C GLY B 238 -7.71 12.29 -6.85
N ILE B 239 -7.04 11.54 -5.95
CA ILE B 239 -6.26 12.11 -4.87
C ILE B 239 -5.12 12.94 -5.48
N ALA B 240 -4.47 12.38 -6.49
CA ALA B 240 -3.41 13.09 -7.17
C ALA B 240 -3.91 14.40 -7.74
N ALA B 241 -5.09 14.34 -8.38
CA ALA B 241 -5.65 15.50 -9.05
C ALA B 241 -5.86 16.61 -8.05
N GLN B 242 -6.45 16.26 -6.91
CA GLN B 242 -6.68 17.26 -5.90
C GLN B 242 -5.36 17.73 -5.28
N ALA B 243 -4.36 16.86 -5.22
CA ALA B 243 -3.10 17.26 -4.62
C ALA B 243 -2.46 18.35 -5.49
N ASP B 244 -2.61 18.19 -6.81
CA ASP B 244 -2.02 19.11 -7.78
C ASP B 244 -2.82 20.41 -7.86
N SER B 245 -4.16 20.34 -7.77
CA SER B 245 -5.00 21.53 -7.89
C SER B 245 -5.01 22.34 -6.60
N GLY B 246 -4.95 21.68 -5.46
CA GLY B 246 -5.04 22.35 -4.17
C GLY B 246 -6.49 22.50 -3.70
N ASP B 247 -7.41 21.96 -4.49
CA ASP B 247 -8.81 22.05 -4.11
C ASP B 247 -9.19 20.69 -3.52
N TYR B 248 -9.21 20.61 -2.18
CA TYR B 248 -9.34 19.36 -1.44
C TYR B 248 -10.80 18.96 -1.18
N ALA B 249 -11.73 19.89 -1.38
CA ALA B 249 -13.07 19.73 -0.86
C ALA B 249 -13.65 18.44 -1.43
N THR B 250 -14.19 17.60 -0.55
CA THR B 250 -14.89 16.41 -0.99
C THR B 250 -16.28 16.42 -0.37
N ASP B 251 -17.17 15.58 -0.91
CA ASP B 251 -18.51 15.38 -0.37
C ASP B 251 -18.64 13.99 0.25
N VAL B 252 -17.65 13.11 0.07
CA VAL B 252 -17.86 11.72 0.42
C VAL B 252 -16.89 11.25 1.51
N SER B 253 -15.59 11.12 1.21
CA SER B 253 -14.68 10.54 2.20
C SER B 253 -14.02 11.70 2.94
N GLY B 254 -14.78 12.30 3.86
CA GLY B 254 -14.31 13.43 4.66
C GLY B 254 -13.14 13.05 5.57
N LEU B 255 -12.14 13.92 5.66
CA LEU B 255 -11.07 13.78 6.63
C LEU B 255 -11.63 13.54 8.05
N ASP B 256 -12.71 14.23 8.42
CA ASP B 256 -13.29 14.03 9.75
C ASP B 256 -13.57 12.55 10.03
N ILE B 257 -14.35 11.93 9.16
CA ILE B 257 -14.75 10.55 9.31
C ILE B 257 -13.54 9.64 9.19
N ASN B 258 -12.57 9.97 8.31
CA ASN B 258 -11.37 9.15 8.21
C ASN B 258 -10.57 9.24 9.50
N VAL B 259 -10.47 10.42 10.13
CA VAL B 259 -9.73 10.54 11.37
C VAL B 259 -10.40 9.67 12.45
N ALA B 260 -11.73 9.64 12.46
CA ALA B 260 -12.47 8.82 13.41
C ALA B 260 -12.15 7.34 13.20
N GLY B 261 -12.14 6.94 11.91
CA GLY B 261 -11.79 5.59 11.51
C GLY B 261 -10.45 5.16 12.10
N LEU B 262 -9.48 6.07 12.08
CA LEU B 262 -8.13 5.69 12.47
C LEU B 262 -8.11 5.51 13.98
N ASP B 263 -8.93 6.33 14.66
CA ASP B 263 -9.02 6.27 16.10
C ASP B 263 -9.64 4.93 16.46
N LEU B 264 -10.73 4.57 15.77
CA LEU B 264 -11.33 3.27 15.98
C LEU B 264 -10.36 2.11 15.68
N LEU B 265 -9.59 2.19 14.58
CA LEU B 265 -8.64 1.14 14.28
C LEU B 265 -7.65 0.97 15.44
N ALA B 266 -7.23 2.12 16.00
CA ALA B 266 -6.26 2.12 17.09
C ALA B 266 -6.86 1.49 18.35
N ARG B 267 -8.08 1.90 18.70
CA ARG B 267 -8.73 1.42 19.90
C ARG B 267 -9.05 -0.07 19.79
N VAL B 268 -9.59 -0.49 18.63
CA VAL B 268 -9.90 -1.89 18.37
C VAL B 268 -8.63 -2.73 18.39
N SER B 269 -7.51 -2.22 17.85
CA SER B 269 -6.25 -2.93 17.93
C SER B 269 -5.87 -3.19 19.40
N ARG B 270 -6.06 -2.20 20.27
CA ARG B 270 -5.69 -2.32 21.68
C ARG B 270 -6.65 -3.32 22.34
N ALA B 271 -7.96 -3.13 22.14
CA ALA B 271 -8.94 -4.04 22.70
C ALA B 271 -8.60 -5.49 22.34
N GLN B 272 -8.09 -5.73 21.12
CA GLN B 272 -7.97 -7.08 20.57
C GLN B 272 -6.65 -7.71 21.01
N GLY B 273 -5.69 -6.88 21.47
CA GLY B 273 -4.48 -7.38 22.11
C GLY B 273 -3.16 -7.07 21.41
N ILE B 274 -3.07 -6.08 20.54
CA ILE B 274 -1.83 -5.83 19.83
C ILE B 274 -1.45 -4.38 20.02
N GLY B 275 -0.31 -4.00 19.46
CA GLY B 275 0.16 -2.64 19.54
C GLY B 275 -0.63 -1.74 18.59
N THR B 276 -0.35 -0.45 18.68
CA THR B 276 -1.12 0.57 18.01
C THR B 276 -0.26 1.48 17.15
N ASP B 277 1.03 1.18 16.97
CA ASP B 277 1.95 2.15 16.39
C ASP B 277 1.50 2.57 15.00
N VAL B 278 1.18 1.62 14.12
CA VAL B 278 0.79 1.95 12.76
C VAL B 278 -0.42 2.87 12.81
N PRO B 279 -1.59 2.49 13.36
CA PRO B 279 -2.74 3.40 13.36
C PRO B 279 -2.56 4.68 14.18
N ALA B 280 -1.73 4.63 15.23
CA ALA B 280 -1.56 5.80 16.10
C ALA B 280 -0.84 6.91 15.37
N ALA B 281 0.22 6.56 14.65
CA ALA B 281 0.97 7.49 13.83
C ALA B 281 0.12 8.08 12.69
N LEU B 282 -0.69 7.24 12.02
CA LEU B 282 -1.56 7.76 10.96
C LEU B 282 -2.62 8.68 11.57
N HIS B 283 -3.26 8.25 12.65
CA HIS B 283 -4.23 9.10 13.34
C HIS B 283 -3.61 10.48 13.55
N GLU B 284 -2.38 10.51 14.05
CA GLU B 284 -1.72 11.73 14.45
C GLU B 284 -1.63 12.70 13.26
N LEU B 285 -1.14 12.20 12.12
CA LEU B 285 -0.91 13.01 10.95
C LEU B 285 -2.24 13.47 10.35
N TYR B 286 -3.19 12.54 10.26
CA TYR B 286 -4.50 12.85 9.70
C TYR B 286 -5.18 13.88 10.61
N ALA B 287 -5.11 13.68 11.93
CA ALA B 287 -5.77 14.60 12.87
C ALA B 287 -5.13 16.00 12.82
N ARG B 288 -3.81 16.07 12.58
CA ARG B 288 -3.11 17.33 12.48
C ARG B 288 -3.66 18.11 11.29
N ARG B 289 -3.82 17.47 10.14
CA ARG B 289 -4.46 18.18 9.05
C ARG B 289 -5.89 18.59 9.43
N LEU B 290 -6.65 17.71 10.11
CA LEU B 290 -8.04 18.03 10.42
C LEU B 290 -8.11 19.29 11.29
N ALA B 291 -7.10 19.45 12.18
CA ALA B 291 -6.98 20.58 13.07
C ALA B 291 -6.65 21.87 12.31
N GLN B 292 -6.07 21.80 11.10
CA GLN B 292 -5.70 22.99 10.35
C GLN B 292 -6.60 23.22 9.13
N GLY B 293 -7.30 22.20 8.63
CA GLY B 293 -7.87 22.29 7.30
C GLY B 293 -9.37 22.56 7.38
N SER B 294 -10.17 21.59 6.88
CA SER B 294 -11.62 21.60 6.93
C SER B 294 -12.15 20.17 7.06
N ALA B 295 -13.37 20.04 7.59
CA ALA B 295 -13.94 18.75 7.92
C ALA B 295 -14.17 17.95 6.66
N ASN B 296 -14.50 18.69 5.58
CA ASN B 296 -14.79 18.17 4.26
C ASN B 296 -13.55 18.15 3.36
N ASP B 297 -12.36 18.46 3.91
CA ASP B 297 -11.14 18.20 3.18
C ASP B 297 -11.05 16.74 2.76
N GLY B 298 -10.64 16.55 1.51
CA GLY B 298 -10.27 15.24 1.00
C GLY B 298 -8.95 14.79 1.59
N LEU B 299 -8.64 13.49 1.42
CA LEU B 299 -7.41 12.91 1.94
C LEU B 299 -6.19 13.55 1.31
N ALA B 300 -6.34 14.08 0.06
CA ALA B 300 -5.27 14.74 -0.67
C ALA B 300 -4.68 15.89 0.12
N SER B 301 -5.46 16.43 1.06
CA SER B 301 -5.06 17.60 1.79
C SER B 301 -3.88 17.29 2.70
N LEU B 302 -3.62 16.01 2.96
CA LEU B 302 -2.50 15.62 3.79
C LEU B 302 -1.18 16.09 3.19
N ILE B 303 -1.14 16.25 1.86
CA ILE B 303 0.12 16.63 1.22
C ILE B 303 0.65 17.93 1.82
N ASP B 304 -0.25 18.86 2.16
CA ASP B 304 0.09 20.16 2.69
C ASP B 304 0.66 20.02 4.10
N THR B 305 0.02 19.19 4.94
CA THR B 305 0.55 18.88 6.24
C THR B 305 1.92 18.21 6.12
N ILE B 306 2.09 17.30 5.17
CA ILE B 306 3.33 16.56 5.00
C ILE B 306 4.46 17.50 4.60
N ARG B 307 4.16 18.49 3.78
CA ARG B 307 5.14 19.48 3.37
C ARG B 307 5.60 20.29 4.59
N ARG B 308 4.65 20.71 5.45
CA ARG B 308 4.96 21.59 6.58
C ARG B 308 5.71 20.82 7.65
N GLY B 309 5.37 19.56 7.84
CA GLY B 309 6.18 18.66 8.66
C GLY B 309 6.27 19.04 10.13
PA NDP C . -26.65 9.31 6.14
O1A NDP C . -26.28 10.26 7.24
O2A NDP C . -26.89 9.74 4.71
O5B NDP C . -27.90 8.47 6.68
C5B NDP C . -28.04 8.15 8.09
C4B NDP C . -29.26 7.29 8.26
O4B NDP C . -29.40 7.00 9.68
C3B NDP C . -30.61 7.91 7.84
O3B NDP C . -31.56 6.94 7.43
C2B NDP C . -31.05 8.55 9.14
O2B NDP C . -32.44 8.84 9.31
C1B NDP C . -30.67 7.44 10.11
N9A NDP C . -30.62 7.89 11.49
C8A NDP C . -29.68 8.71 12.08
N7A NDP C . -29.94 8.96 13.34
C5A NDP C . -31.13 8.29 13.60
C6A NDP C . -31.93 8.16 14.75
N6A NDP C . -31.63 8.71 15.91
N1A NDP C . -33.05 7.40 14.66
C2A NDP C . -33.35 6.81 13.49
N3A NDP C . -32.67 6.86 12.35
C4A NDP C . -31.56 7.62 12.47
O3 NDP C . -25.56 8.15 6.17
PN NDP C . -25.14 6.93 5.20
O1N NDP C . -26.42 6.34 4.73
O2N NDP C . -24.12 7.39 4.22
O5D NDP C . -24.44 5.94 6.29
C5D NDP C . -25.13 4.73 6.73
C4D NDP C . -24.13 3.71 7.21
O4D NDP C . -23.33 3.19 6.09
C3D NDP C . -23.11 4.25 8.22
O3D NDP C . -22.81 3.26 9.20
C2D NDP C . -21.90 4.51 7.33
O2D NDP C . -20.75 4.72 8.12
C1D NDP C . -21.97 3.24 6.47
N1N NDP C . -21.09 3.35 5.25
C2N NDP C . -21.33 4.36 4.35
C3N NDP C . -20.43 4.68 3.35
C7N NDP C . -20.76 5.84 2.48
O7N NDP C . -19.95 6.24 1.65
N7N NDP C . -21.91 6.48 2.64
C4N NDP C . -19.15 3.87 3.24
C5N NDP C . -19.09 2.69 4.16
C6N NDP C . -20.07 2.43 5.02
P2B NDP C . -32.84 10.36 8.76
O1X NDP C . -32.92 10.37 7.24
O2X NDP C . -34.23 10.56 9.33
O3X NDP C . -31.77 11.33 9.26
S SO4 D . 11.93 -6.88 -0.75
O1 SO4 D . 12.89 -7.94 -0.90
O2 SO4 D . 11.73 -6.26 -2.02
O3 SO4 D . 10.68 -7.42 -0.26
O4 SO4 D . 12.47 -5.91 0.21
O1 PE8 E . -14.05 5.14 6.24
C2 PE8 E . -15.17 5.79 5.73
C3 PE8 E . -15.53 5.34 4.34
O4 PE8 E . -14.45 5.53 3.43
C5 PE8 E . -14.64 4.86 2.18
C6 PE8 E . -15.14 5.86 1.14
O7 PE8 E . -14.18 6.20 0.12
C8 PE8 E . -12.84 5.74 0.36
C9 PE8 E . -11.82 6.78 0.00
O10 PE8 E . -11.98 7.16 -1.36
C11 PE8 E . -13.33 7.53 -1.71
C12 PE8 E . -13.94 6.64 -2.82
O13 PE8 E . -14.12 7.44 -3.99
C14 PE8 E . -14.83 6.81 -5.05
C15 PE8 E . -13.99 5.73 -5.68
O16 PE8 E . -13.09 6.30 -6.64
C17 PE8 E . -12.87 5.43 -7.76
C18 PE8 E . -13.06 6.16 -9.07
O19 PE8 E . -12.00 5.80 -9.95
C20 PE8 E . -12.39 5.41 -11.27
C21 PE8 E . -12.23 3.94 -11.45
O22 PE8 E . -13.29 3.24 -10.79
C23 PE8 E . -13.09 1.82 -10.71
C24 PE8 E . -13.36 1.19 -12.05
O25 PE8 E . -13.30 -0.22 -11.98
PA NDP F . 28.08 -5.92 -0.72
O1A NDP F . 28.55 -5.34 0.60
O2A NDP F . 27.65 -7.38 -0.83
O5B NDP F . 29.19 -5.47 -1.79
C5B NDP F . 29.72 -4.09 -1.81
C4B NDP F . 30.97 -3.96 -2.65
O4B NDP F . 31.75 -2.82 -2.19
C3B NDP F . 31.96 -5.14 -2.62
O3B NDP F . 32.57 -5.31 -3.90
C2B NDP F . 33.05 -4.67 -1.68
O2B NDP F . 34.26 -5.41 -1.94
C1B NDP F . 33.10 -3.21 -2.10
N9A NDP F . 33.81 -2.33 -1.16
C8A NDP F . 34.90 -1.52 -1.43
N7A NDP F . 35.35 -0.85 -0.38
C5A NDP F . 34.49 -1.26 0.65
C6A NDP F . 34.41 -0.93 2.02
N6A NDP F . 35.22 -0.07 2.64
N1A NDP F . 33.43 -1.53 2.76
C2A NDP F . 32.60 -2.39 2.15
N3A NDP F . 32.57 -2.77 0.87
C4A NDP F . 33.54 -2.17 0.17
O3 NDP F . 26.83 -5.10 -1.32
PN NDP F . 26.15 -5.12 -2.80
O1N NDP F . 25.22 -6.28 -2.96
O2N NDP F . 27.22 -4.99 -3.82
O5D NDP F . 25.30 -3.76 -2.81
C5D NDP F . 25.48 -2.98 -4.02
C4D NDP F . 24.60 -1.77 -3.99
O4D NDP F . 23.23 -2.13 -4.34
C3D NDP F . 24.53 -1.04 -2.65
O3D NDP F . 24.84 0.33 -2.87
C2D NDP F . 23.14 -1.52 -2.15
O2D NDP F . 22.61 -0.69 -1.13
C1D NDP F . 22.33 -1.52 -3.46
N1N NDP F . 21.05 -2.30 -3.43
C2N NDP F . 21.05 -3.58 -2.91
C3N NDP F . 19.90 -4.30 -2.74
C7N NDP F . 20.03 -5.68 -2.19
O7N NDP F . 19.02 -6.29 -1.84
N7N NDP F . 21.24 -6.24 -2.14
C4N NDP F . 18.59 -3.69 -3.14
C5N NDP F . 18.72 -2.40 -3.88
C6N NDP F . 19.88 -1.76 -3.95
P2B NDP F . 34.46 -6.81 -1.07
O1X NDP F . 33.73 -6.69 0.23
O2X NDP F . 33.98 -8.02 -1.84
O3X NDP F . 35.96 -6.89 -0.83
S SO4 G . 47.95 0.03 -14.13
O1 SO4 G . 47.53 -1.15 -14.82
O2 SO4 G . 49.38 0.18 -14.29
O3 SO4 G . 47.27 1.16 -14.66
O4 SO4 G . 47.64 -0.06 -12.73
NA NA H . 38.53 6.51 -24.56
#